data_5UN2
#
_entry.id   5UN2
#
_cell.length_a   189.475
_cell.length_b   73.908
_cell.length_c   49.375
_cell.angle_alpha   90.00
_cell.angle_beta   96.62
_cell.angle_gamma   90.00
#
_symmetry.space_group_name_H-M   'C 1 2 1'
#
loop_
_entity.id
_entity.type
_entity.pdbx_description
1 polymer Cadherin-23
2 non-polymer 'CALCIUM ION'
3 non-polymer 'POTASSIUM ION'
4 water water
#
_entity_poly.entity_id   1
_entity_poly.type   'polypeptide(L)'
_entity_poly.pdbx_seq_one_letter_code
;MNHPLFTEGTYQAEVMENSPAGTPLTVLNGPILALDADEDVYAVVTYQLLGTHSDLFVIDNSTGVVTVRSGIIIDWEAFS
PPFLELLLLAEDIGQLNGTAHLFITILDDNDNWPTFSPPTYTVHLLENCPPGFSVLQVTATDEDSGLNGELVYRIEAGAQ
DRFLIHPVTGVIRVGNATIDREEQESYRLTVVATDRGTVPLSGTAIVTILIDDINDSRPEFLNPIQTVSVLESAEPGTII
ANVTAIDLDLNPKLEYHIISIVAKDDTDRLVPDQEDAFAVNINTGSVMVKSPLNRELVATYEVTLSVIDNASDLPEHSVS
VPNAKLTVNILDVNDNLEHHHHHH
;
_entity_poly.pdbx_strand_id   A
#
loop_
_chem_comp.id
_chem_comp.type
_chem_comp.name
_chem_comp.formula
CA non-polymer 'CALCIUM ION' 'Ca 2'
K non-polymer 'POTASSIUM ION' 'K 1'
#
# COMPACT_ATOMS: atom_id res chain seq x y z
N MET A 1 -41.58 28.77 -49.45
CA MET A 1 -41.68 29.98 -48.58
C MET A 1 -42.73 29.77 -47.50
N ASN A 2 -43.90 29.29 -47.94
CA ASN A 2 -45.13 29.20 -47.12
C ASN A 2 -45.12 28.16 -46.00
N HIS A 3 -44.09 27.33 -45.97
CA HIS A 3 -43.72 26.53 -44.79
C HIS A 3 -43.45 27.37 -43.53
N PRO A 4 -43.57 26.75 -42.34
CA PRO A 4 -43.25 27.46 -41.11
C PRO A 4 -41.75 27.76 -40.96
N LEU A 5 -41.46 28.78 -40.17
CA LEU A 5 -40.08 29.24 -40.01
C LEU A 5 -39.69 29.19 -38.53
N PHE A 6 -38.54 28.58 -38.26
CA PHE A 6 -37.98 28.62 -36.92
C PHE A 6 -37.26 29.94 -36.70
N THR A 7 -37.12 30.30 -35.43
CA THR A 7 -36.40 31.49 -35.01
C THR A 7 -34.86 31.38 -35.22
N GLU A 8 -34.33 30.16 -35.15
CA GLU A 8 -32.91 29.89 -35.42
C GLU A 8 -32.74 28.77 -36.43
N GLY A 9 -31.64 28.83 -37.17
CA GLY A 9 -31.25 27.79 -38.11
C GLY A 9 -30.85 26.55 -37.35
N THR A 10 -29.94 26.74 -36.39
CA THR A 10 -29.51 25.69 -35.48
C THR A 10 -29.71 26.16 -34.04
N TYR A 11 -30.47 25.42 -33.26
CA TYR A 11 -30.51 25.63 -31.81
C TYR A 11 -29.34 24.91 -31.12
N GLN A 12 -28.48 25.69 -30.45
CA GLN A 12 -27.38 25.16 -29.66
C GLN A 12 -27.90 24.84 -28.24
N ALA A 13 -27.60 23.64 -27.74
CA ALA A 13 -28.15 23.13 -26.49
C ALA A 13 -27.15 22.24 -25.71
N GLU A 14 -27.45 22.00 -24.42
CA GLU A 14 -26.67 21.07 -23.61
C GLU A 14 -27.52 20.34 -22.54
N VAL A 15 -26.97 19.25 -22.02
CA VAL A 15 -27.63 18.44 -20.98
C VAL A 15 -26.62 17.61 -20.18
N MET A 16 -26.83 17.50 -18.86
CA MET A 16 -25.92 16.77 -17.97
C MET A 16 -26.20 15.27 -18.06
N GLU A 17 -25.16 14.45 -18.27
CA GLU A 17 -25.30 13.00 -18.30
C GLU A 17 -25.99 12.51 -17.00
N ASN A 18 -26.69 11.37 -17.07
CA ASN A 18 -27.47 10.80 -15.93
C ASN A 18 -28.68 11.65 -15.45
N SER A 19 -29.17 12.58 -16.27
CA SER A 19 -30.36 13.37 -15.95
C SER A 19 -31.54 12.42 -15.96
N PRO A 20 -32.45 12.56 -14.99
CA PRO A 20 -33.61 11.66 -14.99
C PRO A 20 -34.64 12.09 -16.05
N ALA A 21 -35.57 11.19 -16.35
CA ALA A 21 -36.60 11.40 -17.36
C ALA A 21 -37.50 12.61 -17.00
N GLY A 22 -37.67 13.53 -17.96
CA GLY A 22 -38.43 14.77 -17.73
C GLY A 22 -37.56 16.01 -17.82
N THR A 23 -36.27 15.85 -17.53
CA THR A 23 -35.31 16.96 -17.52
C THR A 23 -35.30 17.62 -18.89
N PRO A 24 -35.65 18.94 -18.96
CA PRO A 24 -35.52 19.63 -20.24
C PRO A 24 -34.05 19.90 -20.59
N LEU A 25 -33.74 19.90 -21.88
CA LEU A 25 -32.46 20.40 -22.33
C LEU A 25 -32.36 21.87 -21.98
N THR A 26 -31.16 22.29 -21.59
CA THR A 26 -30.81 23.70 -21.60
C THR A 26 -30.54 24.09 -23.07
N VAL A 27 -31.34 25.03 -23.57
CA VAL A 27 -31.29 25.48 -24.97
C VAL A 27 -30.74 26.90 -25.00
N LEU A 28 -29.41 27.00 -25.10
CA LEU A 28 -28.70 28.30 -25.05
C LEU A 28 -29.33 29.48 -25.81
N ASN A 29 -29.95 29.22 -26.97
CA ASN A 29 -30.51 30.30 -27.83
C ASN A 29 -32.05 30.25 -28.01
N GLY A 30 -32.73 30.87 -27.03
CA GLY A 30 -34.18 31.03 -27.00
C GLY A 30 -34.89 29.69 -26.95
N PRO A 31 -36.23 29.71 -26.87
CA PRO A 31 -37.00 28.46 -26.99
C PRO A 31 -37.05 27.91 -28.43
N ILE A 32 -37.22 26.60 -28.59
CA ILE A 32 -37.42 26.00 -29.91
C ILE A 32 -38.79 26.47 -30.36
N LEU A 33 -38.84 27.26 -31.42
CA LEU A 33 -40.04 27.97 -31.80
C LEU A 33 -40.15 28.13 -33.31
N ALA A 34 -41.25 27.63 -33.89
CA ALA A 34 -41.61 27.94 -35.28
C ALA A 34 -43.07 28.42 -35.35
N LEU A 35 -43.34 29.26 -36.34
CA LEU A 35 -44.67 29.87 -36.56
C LEU A 35 -45.09 29.69 -38.01
N ASP A 36 -46.40 29.65 -38.24
CA ASP A 36 -46.95 29.51 -39.60
C ASP A 36 -46.62 30.77 -40.40
N ALA A 37 -46.48 30.57 -41.70
CA ALA A 37 -46.04 31.62 -42.59
C ALA A 37 -47.16 32.58 -42.97
N ASP A 38 -48.41 32.12 -42.94
CA ASP A 38 -49.56 32.98 -43.31
C ASP A 38 -49.89 33.92 -42.16
N GLU A 39 -49.77 35.23 -42.42
CA GLU A 39 -49.99 36.27 -41.43
C GLU A 39 -51.49 36.60 -41.25
N ASP A 40 -52.37 36.05 -42.10
CA ASP A 40 -53.84 36.32 -42.08
C ASP A 40 -54.64 35.26 -41.33
N VAL A 41 -54.55 34.00 -41.76
CA VAL A 41 -55.15 32.87 -41.02
C VAL A 41 -54.24 32.39 -39.89
N TYR A 42 -54.83 31.59 -39.02
CA TYR A 42 -54.11 30.84 -37.99
C TYR A 42 -53.99 29.34 -38.36
N ALA A 43 -52.85 28.76 -38.03
CA ALA A 43 -52.51 27.39 -38.38
C ALA A 43 -51.63 26.84 -37.31
N VAL A 44 -51.97 25.65 -36.84
CA VAL A 44 -51.28 25.03 -35.73
C VAL A 44 -49.97 24.42 -36.22
N VAL A 45 -48.91 24.62 -35.45
CA VAL A 45 -47.57 24.10 -35.77
C VAL A 45 -47.12 23.11 -34.71
N THR A 46 -46.91 21.86 -35.14
CA THR A 46 -46.41 20.78 -34.30
C THR A 46 -44.92 20.54 -34.54
N TYR A 47 -44.25 19.91 -33.58
CA TYR A 47 -42.82 19.67 -33.66
C TYR A 47 -42.53 18.18 -33.64
N GLN A 48 -41.50 17.80 -34.41
CA GLN A 48 -40.93 16.45 -34.38
C GLN A 48 -39.44 16.52 -34.24
N LEU A 49 -38.85 15.40 -33.84
CA LEU A 49 -37.43 15.29 -33.56
C LEU A 49 -36.93 13.98 -34.18
N LEU A 50 -35.94 14.10 -35.06
CA LEU A 50 -35.38 12.95 -35.72
C LEU A 50 -33.88 12.94 -35.59
N GLY A 51 -33.33 11.76 -35.86
CA GLY A 51 -31.89 11.53 -35.90
C GLY A 51 -31.47 10.26 -35.17
N THR A 52 -30.23 9.86 -35.41
CA THR A 52 -29.70 8.60 -34.93
C THR A 52 -29.74 8.46 -33.38
N HIS A 53 -29.72 9.58 -32.66
CA HIS A 53 -29.82 9.58 -31.19
C HIS A 53 -31.06 10.32 -30.63
N SER A 54 -32.09 10.48 -31.46
CA SER A 54 -33.37 11.05 -31.02
C SER A 54 -34.05 10.14 -30.01
N ASP A 55 -33.75 8.84 -30.05
CA ASP A 55 -34.30 7.87 -29.12
C ASP A 55 -33.99 8.16 -27.64
N LEU A 56 -32.96 8.95 -27.38
CA LEU A 56 -32.67 9.45 -26.03
C LEU A 56 -33.66 10.52 -25.53
N PHE A 57 -34.47 11.09 -26.40
CA PHE A 57 -35.31 12.22 -26.05
C PHE A 57 -36.74 12.11 -26.57
N VAL A 58 -37.57 13.01 -26.06
CA VAL A 58 -38.95 13.16 -26.48
C VAL A 58 -39.22 14.63 -26.61
N ILE A 59 -39.90 14.99 -27.68
CA ILE A 59 -40.21 16.37 -27.93
C ILE A 59 -41.69 16.49 -27.68
N ASP A 60 -42.06 17.55 -26.98
CA ASP A 60 -43.45 17.87 -26.72
C ASP A 60 -43.99 18.40 -28.06
N ASN A 61 -44.74 17.55 -28.76
CA ASN A 61 -45.09 17.84 -30.15
C ASN A 61 -45.93 19.13 -30.29
N SER A 62 -46.51 19.63 -29.20
CA SER A 62 -47.18 20.96 -29.22
C SER A 62 -46.29 22.15 -28.90
N THR A 63 -45.51 22.06 -27.83
CA THR A 63 -44.65 23.17 -27.39
C THR A 63 -43.27 23.13 -27.98
N GLY A 64 -42.86 21.96 -28.46
CA GLY A 64 -41.53 21.77 -29.02
C GLY A 64 -40.41 21.68 -28.00
N VAL A 65 -40.75 21.49 -26.74
CA VAL A 65 -39.76 21.33 -25.69
C VAL A 65 -39.20 19.91 -25.69
N VAL A 66 -37.87 19.80 -25.65
CA VAL A 66 -37.16 18.53 -25.66
C VAL A 66 -36.69 18.15 -24.26
N THR A 67 -37.16 17.00 -23.78
CA THR A 67 -36.80 16.45 -22.47
C THR A 67 -36.18 15.05 -22.61
N VAL A 68 -35.58 14.58 -21.52
CA VAL A 68 -34.97 13.23 -21.47
C VAL A 68 -36.06 12.15 -21.42
N ARG A 69 -35.92 11.11 -22.24
CA ARG A 69 -36.89 10.02 -22.30
C ARG A 69 -36.77 9.06 -21.09
N SER A 70 -37.88 8.42 -20.72
CA SER A 70 -37.89 7.31 -19.76
C SER A 70 -37.25 6.05 -20.37
N GLY A 71 -36.60 5.25 -19.52
CA GLY A 71 -35.91 4.04 -19.97
C GLY A 71 -34.43 4.25 -20.24
N ILE A 72 -34.09 5.30 -20.99
CA ILE A 72 -32.71 5.56 -21.45
C ILE A 72 -31.80 6.16 -20.37
N ILE A 73 -30.49 6.06 -20.59
CA ILE A 73 -29.49 6.71 -19.75
C ILE A 73 -28.43 7.43 -20.62
N ILE A 74 -28.27 8.74 -20.38
CA ILE A 74 -27.28 9.58 -21.08
C ILE A 74 -25.90 9.30 -20.45
N ASP A 75 -24.96 8.76 -21.23
CA ASP A 75 -23.61 8.39 -20.75
C ASP A 75 -22.52 9.19 -21.49
N TRP A 76 -21.88 10.14 -20.79
CA TRP A 76 -20.77 10.95 -21.37
C TRP A 76 -19.64 10.07 -21.87
N GLU A 77 -19.33 9.03 -21.11
CA GLU A 77 -18.22 8.11 -21.42
C GLU A 77 -18.49 7.22 -22.64
N ALA A 78 -19.75 7.14 -23.10
CA ALA A 78 -20.15 6.33 -24.26
C ALA A 78 -20.18 7.07 -25.63
N PHE A 79 -20.00 8.40 -25.63
CA PHE A 79 -19.91 9.16 -26.88
C PHE A 79 -18.56 9.84 -27.07
N SER A 80 -17.86 9.50 -28.16
CA SER A 80 -16.74 10.31 -28.65
C SER A 80 -17.08 10.83 -30.07
N PRO A 81 -17.17 12.14 -30.29
CA PRO A 81 -17.14 13.19 -29.25
C PRO A 81 -18.46 13.26 -28.47
N PRO A 82 -18.50 14.02 -27.35
CA PRO A 82 -19.73 14.14 -26.54
C PRO A 82 -20.76 15.17 -27.07
N PHE A 83 -21.18 14.97 -28.33
CA PHE A 83 -21.88 16.01 -29.13
C PHE A 83 -22.84 15.35 -30.12
N LEU A 84 -24.14 15.62 -30.01
CA LEU A 84 -25.17 15.02 -30.89
C LEU A 84 -25.72 15.99 -31.91
N GLU A 85 -26.14 15.46 -33.06
CA GLU A 85 -26.78 16.27 -34.10
C GLU A 85 -28.17 15.72 -34.39
N LEU A 86 -29.20 16.53 -34.16
CA LEU A 86 -30.61 16.11 -34.35
C LEU A 86 -31.35 17.09 -35.26
N LEU A 87 -32.30 16.57 -36.04
CA LEU A 87 -33.13 17.39 -36.93
C LEU A 87 -34.43 17.73 -36.22
N LEU A 88 -34.89 18.97 -36.35
CA LEU A 88 -36.20 19.42 -35.86
C LEU A 88 -37.10 19.70 -37.07
N LEU A 89 -38.34 19.20 -37.05
CA LEU A 89 -39.30 19.50 -38.11
C LEU A 89 -40.49 20.24 -37.57
N ALA A 90 -40.87 21.32 -38.24
CA ALA A 90 -42.14 22.00 -37.97
C ALA A 90 -43.13 21.62 -39.05
N GLU A 91 -44.28 21.10 -38.61
CA GLU A 91 -45.32 20.65 -39.49
C GLU A 91 -46.53 21.60 -39.39
N ASP A 92 -47.08 21.92 -40.56
CA ASP A 92 -48.31 22.72 -40.73
C ASP A 92 -48.94 21.89 -41.83
N ILE A 93 -50.17 21.45 -41.62
CA ILE A 93 -50.81 20.53 -42.54
C ILE A 93 -51.08 21.23 -43.88
N GLY A 94 -50.81 20.51 -44.98
CA GLY A 94 -50.89 21.08 -46.30
C GLY A 94 -49.77 22.04 -46.64
N GLN A 95 -48.66 21.99 -45.90
CA GLN A 95 -47.49 22.80 -46.21
C GLN A 95 -46.28 21.93 -46.12
N LEU A 96 -45.21 22.32 -46.79
CA LEU A 96 -43.93 21.65 -46.62
C LEU A 96 -43.43 21.94 -45.21
N ASN A 97 -42.48 21.13 -44.74
CA ASN A 97 -42.04 21.23 -43.36
C ASN A 97 -41.04 22.37 -43.14
N GLY A 98 -41.01 22.85 -41.90
CA GLY A 98 -39.89 23.66 -41.40
C GLY A 98 -38.65 22.83 -41.09
N THR A 99 -37.49 23.49 -41.03
CA THR A 99 -36.22 22.83 -40.78
C THR A 99 -35.40 23.67 -39.81
N ALA A 100 -34.99 23.05 -38.71
CA ALA A 100 -33.92 23.59 -37.90
C ALA A 100 -33.11 22.42 -37.40
N HIS A 101 -31.91 22.66 -36.90
CA HIS A 101 -31.13 21.59 -36.30
C HIS A 101 -30.97 21.90 -34.81
N LEU A 102 -30.97 20.84 -34.00
CA LEU A 102 -30.74 20.89 -32.55
C LEU A 102 -29.42 20.17 -32.31
N PHE A 103 -28.35 20.94 -32.12
CA PHE A 103 -27.04 20.41 -31.80
C PHE A 103 -26.92 20.40 -30.28
N ILE A 104 -26.57 19.24 -29.70
CA ILE A 104 -26.56 19.08 -28.23
C ILE A 104 -25.20 18.60 -27.70
N THR A 105 -24.69 19.32 -26.71
CA THR A 105 -23.45 18.97 -26.02
C THR A 105 -23.82 18.24 -24.73
N ILE A 106 -23.39 16.98 -24.60
CA ILE A 106 -23.58 16.23 -23.37
C ILE A 106 -22.47 16.59 -22.37
N LEU A 107 -22.86 17.09 -21.20
CA LEU A 107 -21.91 17.53 -20.16
C LEU A 107 -21.46 16.37 -19.25
N ASP A 108 -20.19 16.43 -18.82
CA ASP A 108 -19.57 15.39 -18.00
C ASP A 108 -19.97 15.57 -16.54
N ASP A 109 -20.25 14.46 -15.84
CA ASP A 109 -20.42 14.47 -14.38
C ASP A 109 -19.44 13.49 -13.74
N ASN A 110 -18.97 13.82 -12.53
CA ASN A 110 -18.01 13.01 -11.81
C ASN A 110 -18.69 11.72 -11.35
N ASP A 111 -18.74 10.73 -12.23
CA ASP A 111 -19.46 9.48 -11.98
C ASP A 111 -18.64 8.22 -12.27
N ASN A 112 -17.31 8.33 -12.21
CA ASN A 112 -16.43 7.16 -12.26
C ASN A 112 -15.44 7.24 -11.10
N TRP A 113 -15.26 6.10 -10.44
CA TRP A 113 -14.46 6.00 -9.23
C TRP A 113 -13.02 5.71 -9.66
N PRO A 114 -12.02 6.43 -9.10
CA PRO A 114 -10.62 6.11 -9.41
C PRO A 114 -10.33 4.65 -9.12
N THR A 115 -10.04 3.86 -10.14
CA THR A 115 -9.92 2.42 -9.96
C THR A 115 -8.49 1.94 -10.14
N PHE A 116 -8.01 1.11 -9.20
CA PHE A 116 -6.71 0.43 -9.31
C PHE A 116 -6.88 -0.90 -10.03
N SER A 117 -6.02 -1.15 -11.02
CA SER A 117 -5.99 -2.44 -11.72
C SER A 117 -4.54 -2.75 -12.16
N PRO A 118 -3.84 -3.66 -11.47
CA PRO A 118 -4.39 -4.53 -10.43
C PRO A 118 -4.76 -3.77 -9.14
N PRO A 119 -5.82 -4.24 -8.42
CA PRO A 119 -6.36 -3.55 -7.23
C PRO A 119 -5.58 -3.81 -5.91
N THR A 120 -4.59 -4.71 -5.97
CA THR A 120 -3.62 -4.91 -4.90
C THR A 120 -2.22 -5.19 -5.49
N TYR A 121 -1.21 -5.06 -4.62
CA TYR A 121 0.19 -5.23 -4.98
C TYR A 121 0.97 -5.94 -3.88
N THR A 122 2.08 -6.57 -4.28
CA THR A 122 3.05 -7.16 -3.36
C THR A 122 4.45 -6.91 -3.87
N VAL A 123 5.31 -6.41 -2.99
CA VAL A 123 6.68 -6.12 -3.38
C VAL A 123 7.65 -6.50 -2.25
N HIS A 124 8.79 -7.03 -2.64
CA HIS A 124 9.87 -7.34 -1.72
C HIS A 124 10.79 -6.10 -1.65
N LEU A 125 11.37 -5.87 -0.47
CA LEU A 125 12.27 -4.73 -0.21
C LEU A 125 13.35 -5.15 0.77
N LEU A 126 14.60 -4.82 0.46
CA LEU A 126 15.72 -5.15 1.34
C LEU A 126 15.80 -4.13 2.51
N GLU A 127 16.13 -4.63 3.70
CA GLU A 127 16.28 -3.79 4.88
C GLU A 127 17.54 -2.94 4.77
N ASN A 128 17.63 -1.91 5.65
CA ASN A 128 18.72 -0.88 5.62
C ASN A 128 18.80 -0.13 4.29
N CYS A 129 17.69 -0.01 3.57
CA CYS A 129 17.65 0.74 2.32
C CYS A 129 17.56 2.21 2.72
N PRO A 130 18.27 3.08 2.00
CA PRO A 130 18.44 4.46 2.46
C PRO A 130 17.18 5.30 2.25
N PRO A 131 17.05 6.46 2.95
CA PRO A 131 15.90 7.36 2.70
C PRO A 131 15.70 7.74 1.23
N GLY A 132 14.44 7.84 0.82
CA GLY A 132 14.12 8.14 -0.58
C GLY A 132 14.25 7.03 -1.62
N PHE A 133 14.64 5.82 -1.21
CA PHE A 133 14.65 4.64 -2.10
C PHE A 133 13.26 4.39 -2.72
N SER A 134 13.23 4.16 -4.02
CA SER A 134 11.97 4.03 -4.75
C SER A 134 11.48 2.57 -4.74
N VAL A 135 10.39 2.31 -4.02
CA VAL A 135 9.94 0.95 -3.70
C VAL A 135 8.99 0.34 -4.73
N LEU A 136 8.06 1.16 -5.23
CA LEU A 136 6.96 0.69 -6.06
C LEU A 136 6.20 1.87 -6.61
N GLN A 137 5.70 1.74 -7.84
CA GLN A 137 4.74 2.73 -8.38
C GLN A 137 3.36 2.12 -8.58
N VAL A 138 2.32 2.87 -8.22
CA VAL A 138 0.94 2.41 -8.34
C VAL A 138 0.09 3.42 -9.09
N THR A 139 -0.69 2.92 -10.05
CA THR A 139 -1.48 3.79 -10.92
C THR A 139 -2.93 3.35 -10.90
N ALA A 140 -3.81 4.35 -10.78
CA ALA A 140 -5.25 4.17 -10.84
C ALA A 140 -5.76 4.90 -12.06
N THR A 141 -6.89 4.43 -12.59
CA THR A 141 -7.47 4.92 -13.85
C THR A 141 -8.81 5.59 -13.55
N ASP A 142 -9.22 6.51 -14.42
CA ASP A 142 -10.47 7.24 -14.25
C ASP A 142 -11.03 7.63 -15.63
N GLU A 143 -12.23 7.11 -15.93
CA GLU A 143 -12.87 7.36 -17.23
C GLU A 143 -13.59 8.70 -17.32
N ASP A 144 -13.58 9.48 -16.23
CA ASP A 144 -14.07 10.86 -16.27
C ASP A 144 -13.10 11.79 -17.01
N SER A 145 -13.54 13.03 -17.21
CA SER A 145 -12.78 14.06 -17.93
C SER A 145 -12.40 15.24 -17.06
N GLY A 146 -11.36 15.94 -17.48
CA GLY A 146 -10.90 17.17 -16.82
C GLY A 146 -10.48 16.89 -15.39
N LEU A 147 -10.98 17.72 -14.46
CA LEU A 147 -10.65 17.55 -13.05
C LEU A 147 -11.26 16.30 -12.45
N ASN A 148 -12.36 15.83 -13.02
CA ASN A 148 -13.03 14.62 -12.52
C ASN A 148 -12.24 13.32 -12.78
N GLY A 149 -11.27 13.39 -13.70
CA GLY A 149 -10.31 12.31 -13.95
C GLY A 149 -8.92 12.50 -13.37
N GLU A 150 -8.52 13.76 -13.15
CA GLU A 150 -7.25 14.13 -12.50
C GLU A 150 -7.14 13.56 -11.05
N LEU A 151 -6.20 12.64 -10.86
CA LEU A 151 -6.08 11.87 -9.62
C LEU A 151 -4.95 12.35 -8.70
N VAL A 152 -5.18 12.22 -7.39
CA VAL A 152 -4.17 12.56 -6.39
C VAL A 152 -4.07 11.41 -5.36
N TYR A 153 -2.86 10.83 -5.28
CA TYR A 153 -2.54 9.66 -4.42
C TYR A 153 -2.08 10.08 -3.02
N ARG A 154 -2.16 9.15 -2.07
CA ARG A 154 -2.10 9.46 -0.63
C ARG A 154 -2.16 8.13 0.15
N ILE A 155 -1.28 7.93 1.15
CA ILE A 155 -1.29 6.71 1.98
C ILE A 155 -2.17 6.93 3.19
N GLU A 156 -3.19 6.09 3.35
CA GLU A 156 -4.23 6.27 4.37
C GLU A 156 -3.85 5.63 5.72
N ALA A 157 -3.15 4.50 5.65
CA ALA A 157 -2.78 3.75 6.85
C ALA A 157 -1.68 2.75 6.55
N GLY A 158 -0.96 2.37 7.61
CA GLY A 158 0.07 1.31 7.54
C GLY A 158 1.51 1.80 7.45
N ALA A 159 1.67 3.13 7.53
CA ALA A 159 2.83 3.81 7.01
C ALA A 159 3.64 4.48 8.09
N GLN A 160 3.00 5.40 8.81
CA GLN A 160 3.66 6.20 9.85
C GLN A 160 4.90 6.99 9.37
N ASP A 161 4.85 7.60 8.19
CA ASP A 161 6.01 8.35 7.60
C ASP A 161 7.23 7.50 7.17
N ARG A 162 7.13 6.17 7.28
CA ARG A 162 8.20 5.26 6.89
C ARG A 162 8.18 5.04 5.39
N PHE A 163 7.00 5.19 4.80
CA PHE A 163 6.83 5.26 3.36
C PHE A 163 6.00 6.51 3.02
N LEU A 164 6.41 7.19 1.95
CA LEU A 164 5.73 8.35 1.46
C LEU A 164 5.35 8.06 0.02
N ILE A 165 4.40 8.81 -0.52
CA ILE A 165 3.97 8.65 -1.90
C ILE A 165 3.84 10.02 -2.56
N HIS A 166 4.31 10.12 -3.81
CA HIS A 166 4.13 11.34 -4.59
C HIS A 166 2.61 11.49 -4.81
N PRO A 167 2.05 12.70 -4.57
CA PRO A 167 0.61 12.89 -4.85
C PRO A 167 0.24 12.71 -6.34
N VAL A 168 1.13 13.08 -7.26
CA VAL A 168 0.86 13.00 -8.71
C VAL A 168 1.27 11.63 -9.28
N THR A 169 2.54 11.24 -9.13
CA THR A 169 3.05 10.05 -9.82
C THR A 169 2.60 8.73 -9.20
N GLY A 170 2.28 8.77 -7.91
CA GLY A 170 1.94 7.56 -7.14
C GLY A 170 3.12 6.67 -6.82
N VAL A 171 4.34 7.24 -6.86
CA VAL A 171 5.57 6.50 -6.51
C VAL A 171 5.82 6.49 -5.00
N ILE A 172 5.69 5.30 -4.43
CA ILE A 172 5.92 5.03 -3.02
C ILE A 172 7.41 4.89 -2.80
N ARG A 173 7.97 5.75 -1.95
CA ARG A 173 9.40 5.76 -1.66
C ARG A 173 9.57 5.62 -0.16
N VAL A 174 10.75 5.22 0.30
CA VAL A 174 10.95 5.10 1.75
C VAL A 174 11.19 6.49 2.34
N GLY A 175 10.66 6.69 3.54
CA GLY A 175 10.68 7.96 4.21
C GLY A 175 11.99 8.04 4.96
N ASN A 176 12.05 8.98 5.90
CA ASN A 176 13.26 9.27 6.64
C ASN A 176 13.35 8.38 7.91
N ALA A 177 13.28 7.06 7.69
CA ALA A 177 13.12 6.07 8.76
C ALA A 177 13.88 4.80 8.41
N THR A 178 14.46 4.16 9.43
CA THR A 178 15.20 2.89 9.26
C THR A 178 14.23 1.72 9.01
N ILE A 179 14.34 1.05 7.86
CA ILE A 179 13.51 -0.16 7.59
C ILE A 179 14.24 -1.41 8.10
N ASP A 180 13.82 -1.87 9.28
CA ASP A 180 14.47 -2.98 10.00
C ASP A 180 13.57 -4.21 9.98
N ARG A 181 14.02 -5.29 9.33
CA ARG A 181 13.21 -6.51 9.21
C ARG A 181 12.90 -7.07 10.59
N GLU A 182 13.85 -6.92 11.50
CA GLU A 182 13.71 -7.42 12.89
C GLU A 182 12.68 -6.61 13.72
N GLU A 183 12.47 -5.34 13.37
CA GLU A 183 11.50 -4.45 14.04
C GLU A 183 10.10 -4.52 13.42
N GLN A 184 10.05 -4.77 12.11
CA GLN A 184 8.83 -5.05 11.39
C GLN A 184 9.19 -5.68 10.06
N GLU A 185 8.76 -6.93 9.87
CA GLU A 185 9.11 -7.70 8.68
C GLU A 185 8.20 -7.52 7.46
N SER A 186 7.02 -6.91 7.65
CA SER A 186 6.07 -6.67 6.55
C SER A 186 5.14 -5.49 6.83
N TYR A 187 4.62 -4.90 5.76
CA TYR A 187 3.69 -3.76 5.86
C TYR A 187 2.50 -3.99 4.94
N ARG A 188 1.30 -3.66 5.44
CA ARG A 188 0.08 -3.62 4.62
CA ARG A 188 0.09 -3.62 4.62
C ARG A 188 -0.39 -2.17 4.51
N LEU A 189 -0.14 -1.55 3.35
CA LEU A 189 -0.46 -0.15 3.12
C LEU A 189 -1.80 0.01 2.43
N THR A 190 -2.69 0.79 3.03
CA THR A 190 -3.92 1.24 2.36
C THR A 190 -3.59 2.53 1.62
N VAL A 191 -3.77 2.52 0.30
CA VAL A 191 -3.42 3.67 -0.54
C VAL A 191 -4.64 4.09 -1.35
N VAL A 192 -5.03 5.37 -1.20
CA VAL A 192 -6.21 5.93 -1.83
C VAL A 192 -5.80 6.90 -2.92
N ALA A 193 -6.48 6.82 -4.05
CA ALA A 193 -6.39 7.83 -5.10
C ALA A 193 -7.74 8.52 -5.16
N THR A 194 -7.73 9.85 -5.09
CA THR A 194 -8.93 10.68 -4.99
C THR A 194 -8.99 11.55 -6.24
N ASP A 195 -10.15 11.65 -6.88
CA ASP A 195 -10.32 12.61 -7.99
C ASP A 195 -10.55 14.05 -7.47
N ARG A 196 -10.41 15.04 -8.34
CA ARG A 196 -10.58 16.46 -7.96
C ARG A 196 -11.86 17.13 -8.50
N GLY A 197 -12.93 16.35 -8.68
CA GLY A 197 -14.26 16.88 -8.96
C GLY A 197 -14.84 17.45 -7.68
N THR A 198 -15.87 18.27 -7.77
CA THR A 198 -16.41 18.96 -6.57
C THR A 198 -17.07 17.97 -5.57
N VAL A 199 -17.74 16.94 -6.08
CA VAL A 199 -18.08 15.72 -5.29
C VAL A 199 -16.97 14.71 -5.62
N PRO A 200 -15.86 14.70 -4.81
CA PRO A 200 -14.71 13.91 -5.20
C PRO A 200 -14.86 12.46 -4.74
N LEU A 201 -14.74 11.54 -5.69
CA LEU A 201 -14.71 10.11 -5.39
C LEU A 201 -13.27 9.63 -5.20
N SER A 202 -13.13 8.47 -4.56
CA SER A 202 -11.83 7.82 -4.35
C SER A 202 -11.93 6.31 -4.46
N GLY A 203 -10.81 5.67 -4.74
CA GLY A 203 -10.71 4.20 -4.76
C GLY A 203 -9.43 3.74 -4.10
N THR A 204 -9.40 2.48 -3.69
CA THR A 204 -8.41 1.98 -2.74
C THR A 204 -7.61 0.81 -3.30
N ALA A 205 -6.33 0.74 -2.92
CA ALA A 205 -5.48 -0.43 -3.20
C ALA A 205 -4.69 -0.84 -1.95
N ILE A 206 -4.22 -2.09 -1.93
CA ILE A 206 -3.45 -2.61 -0.80
C ILE A 206 -2.07 -3.08 -1.24
N VAL A 207 -1.04 -2.37 -0.76
CA VAL A 207 0.35 -2.71 -1.06
C VAL A 207 0.93 -3.47 0.13
N THR A 208 1.18 -4.77 -0.07
CA THR A 208 1.98 -5.55 0.87
C THR A 208 3.45 -5.33 0.53
N ILE A 209 4.24 -4.97 1.54
CA ILE A 209 5.68 -4.83 1.39
C ILE A 209 6.36 -5.85 2.28
N LEU A 210 6.92 -6.87 1.67
CA LEU A 210 7.66 -7.89 2.40
C LEU A 210 9.07 -7.38 2.55
N ILE A 211 9.57 -7.32 3.78
CA ILE A 211 10.95 -6.91 4.02
C ILE A 211 11.82 -8.17 3.97
N ASP A 212 12.82 -8.14 3.09
CA ASP A 212 13.80 -9.22 2.96
C ASP A 212 14.89 -9.02 4.00
N ASP A 213 15.68 -10.07 4.21
CA ASP A 213 16.70 -10.12 5.26
C ASP A 213 18.11 -9.85 4.79
N ILE A 214 18.80 -9.00 5.56
CA ILE A 214 20.25 -8.97 5.63
C ILE A 214 20.59 -9.48 7.04
N ASN A 215 21.57 -10.38 7.15
CA ASN A 215 21.95 -10.96 8.45
C ASN A 215 22.79 -9.93 9.16
N ASP A 216 22.10 -9.03 9.90
CA ASP A 216 22.69 -7.77 10.39
C ASP A 216 22.44 -7.50 11.89
N SER A 217 22.04 -8.53 12.62
CA SER A 217 21.62 -8.39 14.02
C SER A 217 22.35 -9.41 14.90
N ARG A 218 23.11 -8.91 15.88
CA ARG A 218 24.01 -9.75 16.67
C ARG A 218 23.26 -10.74 17.55
N PRO A 219 23.84 -11.94 17.76
CA PRO A 219 23.21 -12.86 18.69
C PRO A 219 23.16 -12.28 20.12
N GLU A 220 22.11 -12.65 20.84
CA GLU A 220 21.91 -12.20 22.20
C GLU A 220 21.74 -13.37 23.15
N PHE A 221 22.65 -13.47 24.11
CA PHE A 221 22.54 -14.41 25.23
C PHE A 221 21.32 -14.06 26.09
N LEU A 222 20.48 -15.06 26.37
CA LEU A 222 19.29 -14.92 27.20
C LEU A 222 19.56 -15.18 28.67
N ASN A 223 20.68 -15.81 29.00
CA ASN A 223 21.15 -16.04 30.39
C ASN A 223 22.63 -15.58 30.59
N PRO A 224 22.88 -14.26 30.47
CA PRO A 224 24.22 -13.67 30.46
C PRO A 224 25.10 -13.85 31.69
N ILE A 225 24.52 -13.69 32.89
CA ILE A 225 25.25 -13.90 34.17
C ILE A 225 24.69 -15.15 34.86
N GLN A 226 25.57 -15.97 35.45
CA GLN A 226 25.21 -17.29 36.00
C GLN A 226 26.34 -17.78 36.97
N THR A 227 26.01 -18.00 38.24
CA THR A 227 26.93 -18.68 39.21
C THR A 227 26.45 -20.09 39.50
N VAL A 228 27.38 -21.07 39.51
CA VAL A 228 27.02 -22.49 39.70
C VAL A 228 28.02 -23.23 40.60
N SER A 229 27.50 -23.98 41.56
CA SER A 229 28.34 -24.81 42.45
C SER A 229 28.44 -26.28 42.00
N VAL A 230 29.66 -26.74 41.78
CA VAL A 230 29.90 -28.09 41.31
C VAL A 230 30.76 -28.86 42.32
N LEU A 231 30.40 -30.10 42.61
CA LEU A 231 31.23 -30.95 43.47
C LEU A 231 32.57 -31.24 42.80
N GLU A 232 33.66 -31.15 43.53
CA GLU A 232 34.97 -31.51 42.99
C GLU A 232 34.98 -32.97 42.45
N SER A 233 34.09 -33.81 42.97
CA SER A 233 33.90 -35.18 42.48
C SER A 233 33.18 -35.33 41.13
N ALA A 234 32.71 -34.23 40.53
CA ALA A 234 32.03 -34.29 39.24
C ALA A 234 32.95 -34.80 38.16
N GLU A 235 32.54 -35.87 37.48
CA GLU A 235 33.36 -36.50 36.46
C GLU A 235 33.28 -35.72 35.16
N PRO A 236 34.31 -35.84 34.28
CA PRO A 236 34.20 -35.25 32.95
C PRO A 236 33.05 -35.84 32.16
N GLY A 237 32.39 -34.98 31.40
CA GLY A 237 31.19 -35.31 30.65
C GLY A 237 30.00 -34.65 31.28
N THR A 238 30.14 -34.26 32.56
CA THR A 238 29.02 -33.86 33.38
C THR A 238 28.59 -32.47 33.01
N ILE A 239 27.39 -32.34 32.45
CA ILE A 239 26.84 -31.02 32.13
C ILE A 239 26.50 -30.35 33.44
N ILE A 240 26.92 -29.10 33.57
CA ILE A 240 26.69 -28.28 34.76
C ILE A 240 25.98 -26.94 34.47
N ALA A 241 25.69 -26.65 33.20
CA ALA A 241 25.26 -25.33 32.78
C ALA A 241 25.03 -25.32 31.29
N ASN A 242 24.29 -24.32 30.83
CA ASN A 242 23.96 -24.23 29.42
C ASN A 242 23.74 -22.75 29.14
N VAL A 243 24.65 -22.14 28.38
CA VAL A 243 24.39 -20.80 27.82
C VAL A 243 23.55 -20.94 26.56
N THR A 244 22.64 -19.99 26.36
CA THR A 244 21.72 -20.05 25.23
C THR A 244 21.40 -18.64 24.74
N ALA A 245 21.49 -18.47 23.41
CA ALA A 245 21.40 -17.19 22.72
C ALA A 245 20.44 -17.25 21.54
N ILE A 246 20.05 -16.08 21.05
CA ILE A 246 19.12 -15.97 19.94
C ILE A 246 19.59 -14.85 19.00
N ASP A 247 19.57 -15.14 17.69
CA ASP A 247 19.83 -14.20 16.60
C ASP A 247 18.48 -14.01 15.89
N LEU A 248 18.05 -12.78 15.72
CA LEU A 248 16.71 -12.53 15.16
C LEU A 248 16.69 -12.50 13.64
N ASP A 249 17.84 -12.74 12.99
CA ASP A 249 17.93 -12.78 11.51
C ASP A 249 17.41 -14.10 10.96
N LEU A 250 17.33 -14.22 9.65
CA LEU A 250 16.57 -15.31 9.04
C LEU A 250 17.23 -16.69 9.05
N ASN A 251 18.55 -16.78 8.91
CA ASN A 251 19.17 -18.09 8.84
C ASN A 251 20.51 -18.11 9.53
N PRO A 252 20.51 -18.00 10.88
CA PRO A 252 21.75 -17.88 11.65
C PRO A 252 22.50 -19.19 11.73
N LYS A 253 23.81 -19.13 11.91
CA LYS A 253 24.60 -20.32 12.24
C LYS A 253 25.35 -19.96 13.47
N LEU A 254 24.74 -20.18 14.64
CA LEU A 254 25.38 -19.84 15.91
C LEU A 254 26.46 -20.81 16.31
N GLU A 255 27.54 -20.26 16.85
CA GLU A 255 28.66 -21.03 17.35
C GLU A 255 29.09 -20.50 18.71
N TYR A 256 28.94 -21.33 19.76
CA TYR A 256 29.37 -20.97 21.12
C TYR A 256 30.84 -21.32 21.34
N HIS A 257 31.60 -20.41 21.97
CA HIS A 257 33.01 -20.65 22.33
C HIS A 257 33.28 -20.26 23.78
N ILE A 258 34.40 -20.73 24.33
CA ILE A 258 34.95 -20.19 25.58
C ILE A 258 36.13 -19.27 25.25
N ILE A 259 35.98 -18.00 25.61
CA ILE A 259 36.98 -16.95 25.38
C ILE A 259 38.07 -16.95 26.45
N SER A 260 37.69 -17.14 27.71
CA SER A 260 38.69 -17.39 28.76
C SER A 260 38.13 -18.19 29.92
N ILE A 261 39.06 -18.78 30.69
CA ILE A 261 38.79 -19.47 31.94
C ILE A 261 39.85 -19.00 32.95
N VAL A 262 39.49 -18.07 33.82
CA VAL A 262 40.36 -17.65 34.94
C VAL A 262 40.10 -18.56 36.12
N ALA A 263 41.18 -19.00 36.78
CA ALA A 263 41.09 -19.95 37.88
C ALA A 263 41.82 -19.39 39.11
N LYS A 264 41.29 -19.73 40.29
CA LYS A 264 41.76 -19.24 41.58
C LYS A 264 41.59 -20.30 42.66
N ASP A 265 42.63 -20.49 43.46
CA ASP A 265 42.58 -21.42 44.59
C ASP A 265 41.82 -20.80 45.74
N ASP A 266 41.62 -21.60 46.78
CA ASP A 266 40.84 -21.17 47.94
C ASP A 266 41.44 -20.01 48.72
N THR A 267 42.73 -19.70 48.57
CA THR A 267 43.26 -18.43 49.10
C THR A 267 43.08 -17.21 48.14
N ASP A 268 42.19 -17.33 47.17
CA ASP A 268 41.89 -16.29 46.16
C ASP A 268 43.11 -15.84 45.37
N ARG A 269 43.74 -16.79 44.68
CA ARG A 269 45.02 -16.56 44.02
C ARG A 269 45.12 -17.30 42.70
N LEU A 270 45.71 -16.65 41.70
CA LEU A 270 45.67 -17.11 40.32
C LEU A 270 46.35 -18.45 40.21
N VAL A 271 45.69 -19.40 39.57
CA VAL A 271 46.25 -20.70 39.21
C VAL A 271 46.17 -20.78 37.69
N PRO A 272 47.32 -20.74 36.99
CA PRO A 272 47.32 -20.77 35.52
C PRO A 272 47.16 -22.17 34.91
N ASP A 273 46.94 -22.22 33.58
CA ASP A 273 46.89 -23.46 32.79
C ASP A 273 45.68 -24.38 33.11
N GLN A 274 44.53 -23.78 33.37
CA GLN A 274 43.35 -24.57 33.75
C GLN A 274 42.22 -24.40 32.73
N GLU A 275 42.58 -24.23 31.46
CA GLU A 275 41.60 -24.08 30.35
C GLU A 275 41.05 -25.41 29.86
N ASP A 276 41.78 -26.46 30.15
CA ASP A 276 41.32 -27.81 29.99
C ASP A 276 40.11 -28.14 30.89
N ALA A 277 39.70 -27.24 31.80
CA ALA A 277 38.68 -27.56 32.85
C ALA A 277 37.25 -27.75 32.37
N PHE A 278 36.82 -26.96 31.37
CA PHE A 278 35.44 -26.98 30.87
C PHE A 278 35.38 -26.92 29.36
N ALA A 279 34.21 -27.16 28.81
CA ALA A 279 34.03 -27.21 27.35
C ALA A 279 32.59 -26.94 26.96
N VAL A 280 32.38 -26.03 26.01
CA VAL A 280 31.04 -25.71 25.57
C VAL A 280 30.78 -26.42 24.26
N ASN A 281 29.58 -26.97 24.11
CA ASN A 281 29.16 -27.60 22.87
C ASN A 281 28.90 -26.45 21.91
N ILE A 282 29.58 -26.54 20.76
CA ILE A 282 29.67 -25.43 19.81
C ILE A 282 28.30 -25.04 19.21
N ASN A 283 27.39 -26.02 19.07
CA ASN A 283 26.03 -25.76 18.56
C ASN A 283 24.99 -25.41 19.64
N THR A 284 24.97 -26.13 20.77
CA THR A 284 23.89 -26.05 21.79
C THR A 284 24.14 -25.11 22.97
N GLY A 285 25.41 -24.87 23.26
CA GLY A 285 25.81 -24.05 24.39
C GLY A 285 25.87 -24.78 25.73
N SER A 286 25.72 -26.11 25.69
CA SER A 286 25.85 -26.97 26.83
C SER A 286 27.29 -26.95 27.33
N VAL A 287 27.48 -26.57 28.61
CA VAL A 287 28.81 -26.52 29.23
C VAL A 287 29.02 -27.75 30.11
N MET A 288 30.14 -28.44 29.92
CA MET A 288 30.45 -29.64 30.66
C MET A 288 31.79 -29.54 31.39
N VAL A 289 31.95 -30.36 32.41
CA VAL A 289 33.24 -30.59 33.05
C VAL A 289 34.03 -31.28 31.95
N LYS A 290 35.26 -30.83 31.69
CA LYS A 290 36.11 -31.48 30.67
C LYS A 290 37.25 -32.29 31.24
N SER A 291 37.95 -31.75 32.22
CA SER A 291 39.01 -32.47 32.91
C SER A 291 38.65 -32.68 34.37
N PRO A 292 39.36 -33.58 35.06
CA PRO A 292 39.16 -33.73 36.49
C PRO A 292 39.21 -32.41 37.31
N LEU A 293 38.25 -32.21 38.22
CA LEU A 293 38.25 -31.05 39.14
C LEU A 293 38.81 -31.42 40.52
N ASN A 294 39.60 -30.51 41.09
CA ASN A 294 40.15 -30.64 42.44
C ASN A 294 40.00 -29.29 43.14
N ARG A 295 39.21 -29.25 44.21
CA ARG A 295 39.00 -28.02 44.98
C ARG A 295 40.29 -27.50 45.59
N GLU A 296 41.14 -28.44 45.98
CA GLU A 296 42.39 -28.14 46.65
C GLU A 296 43.41 -27.51 45.70
N LEU A 297 43.16 -27.65 44.40
CA LEU A 297 43.88 -26.93 43.36
C LEU A 297 43.16 -25.65 42.96
N VAL A 298 41.91 -25.78 42.52
CA VAL A 298 41.11 -24.62 42.08
C VAL A 298 39.81 -24.60 42.87
N ALA A 299 39.51 -23.46 43.48
CA ALA A 299 38.29 -23.26 44.29
C ALA A 299 37.19 -22.54 43.51
N THR A 300 37.57 -21.58 42.67
CA THR A 300 36.64 -20.88 41.79
C THR A 300 37.17 -20.82 40.36
N TYR A 301 36.26 -20.90 39.40
CA TYR A 301 36.59 -20.64 38.01
C TYR A 301 35.66 -19.52 37.50
N GLU A 302 36.19 -18.48 36.84
CA GLU A 302 35.35 -17.55 36.05
C GLU A 302 35.58 -17.84 34.58
N VAL A 303 34.50 -18.17 33.90
CA VAL A 303 34.49 -18.59 32.51
C VAL A 303 33.71 -17.58 31.66
N THR A 304 34.32 -17.14 30.56
CA THR A 304 33.65 -16.24 29.61
C THR A 304 33.34 -17.02 28.34
N LEU A 305 32.09 -16.91 27.88
CA LEU A 305 31.63 -17.58 26.68
C LEU A 305 31.03 -16.60 25.68
N SER A 306 31.48 -16.67 24.43
CA SER A 306 30.90 -15.85 23.35
C SER A 306 30.03 -16.69 22.42
N VAL A 307 29.27 -16.00 21.58
CA VAL A 307 28.56 -16.64 20.49
C VAL A 307 28.61 -15.78 19.24
N ILE A 308 28.96 -16.40 18.10
CA ILE A 308 29.04 -15.71 16.79
C ILE A 308 27.96 -16.24 15.87
N ASP A 309 27.34 -15.35 15.09
CA ASP A 309 26.58 -15.77 13.92
C ASP A 309 27.52 -15.81 12.69
N ASN A 310 27.94 -17.03 12.31
CA ASN A 310 28.84 -17.26 11.15
C ASN A 310 28.20 -16.92 9.79
N ALA A 311 26.88 -16.75 9.77
CA ALA A 311 26.18 -16.28 8.58
C ALA A 311 26.05 -14.76 8.51
N SER A 312 26.46 -14.01 9.53
CA SER A 312 26.17 -12.58 9.56
C SER A 312 26.86 -11.81 8.42
N ASP A 313 26.07 -10.97 7.74
CA ASP A 313 26.52 -10.21 6.60
C ASP A 313 27.30 -8.98 7.08
N LEU A 314 27.05 -8.49 8.30
CA LEU A 314 27.84 -7.41 8.89
C LEU A 314 28.79 -7.97 9.94
N PRO A 315 30.08 -7.57 9.86
CA PRO A 315 31.08 -8.07 10.79
C PRO A 315 31.01 -7.45 12.19
N GLU A 316 30.49 -6.23 12.32
CA GLU A 316 30.34 -5.63 13.64
C GLU A 316 29.08 -6.06 14.42
N HIS A 317 28.20 -6.87 13.79
CA HIS A 317 27.06 -7.51 14.49
C HIS A 317 27.15 -9.04 14.42
N SER A 318 28.36 -9.52 14.69
CA SER A 318 28.68 -10.93 14.56
C SER A 318 28.56 -11.62 15.89
N VAL A 319 29.06 -10.96 16.93
CA VAL A 319 29.32 -11.55 18.22
C VAL A 319 28.41 -10.95 19.28
N SER A 320 28.10 -11.79 20.27
CA SER A 320 27.44 -11.40 21.51
C SER A 320 28.00 -10.15 22.17
N VAL A 321 27.13 -9.23 22.55
CA VAL A 321 27.54 -8.12 23.41
C VAL A 321 26.44 -7.95 24.45
N PRO A 322 26.70 -8.30 25.71
CA PRO A 322 27.94 -8.85 26.21
C PRO A 322 28.09 -10.36 25.99
N ASN A 323 29.31 -10.85 26.19
CA ASN A 323 29.56 -12.28 26.30
C ASN A 323 28.93 -12.78 27.56
N ALA A 324 28.68 -14.08 27.57
CA ALA A 324 28.08 -14.75 28.72
C ALA A 324 29.15 -14.94 29.77
N LYS A 325 28.77 -14.81 31.02
CA LYS A 325 29.67 -15.01 32.13
C LYS A 325 29.16 -16.17 33.00
N LEU A 326 30.08 -17.09 33.35
CA LEU A 326 29.78 -18.25 34.20
C LEU A 326 30.83 -18.43 35.31
N THR A 327 30.47 -18.04 36.53
CA THR A 327 31.27 -18.34 37.68
C THR A 327 30.93 -19.76 38.17
N VAL A 328 31.95 -20.52 38.55
CA VAL A 328 31.79 -21.94 38.95
C VAL A 328 32.47 -22.14 40.29
N ASN A 329 31.73 -21.97 41.40
CA ASN A 329 32.28 -22.18 42.76
C ASN A 329 32.42 -23.69 43.02
N ILE A 330 33.61 -24.15 43.33
CA ILE A 330 33.84 -25.58 43.50
C ILE A 330 33.65 -26.00 44.96
N LEU A 331 32.73 -26.97 45.15
CA LEU A 331 32.39 -27.54 46.47
C LEU A 331 33.34 -28.66 46.97
N ASP A 332 33.58 -28.70 48.29
CA ASP A 332 34.61 -29.57 48.87
C ASP A 332 34.08 -30.96 49.10
N VAL A 333 34.92 -31.96 48.92
CA VAL A 333 34.58 -33.33 49.31
C VAL A 333 35.60 -33.78 50.35
N ASN A 334 35.13 -34.37 51.45
CA ASN A 334 35.99 -34.83 52.54
C ASN A 334 35.27 -35.89 53.43
N ASP A 335 35.93 -36.32 54.52
CA ASP A 335 35.60 -37.56 55.25
C ASP A 335 34.25 -37.52 55.98
CA CA B . -21.42 8.01 -17.22
CA CA C . -18.43 11.19 -16.23
CA CA D . -13.93 10.55 -11.02
CA CA E . 18.11 -5.23 11.00
CA CA F . 18.30 -8.86 9.54
CA CA G . 23.19 -12.03 12.98
CA CA H . 38.63 -32.12 49.39
CA CA I . 40.43 -33.10 45.60
K K J . -50.61 33.21 -38.42
K K K . -52.66 24.55 -42.93
#